data_8SUU
#
_entry.id   8SUU
#
_cell.length_a   53.937
_cell.length_b   93.768
_cell.length_c   125.484
_cell.angle_alpha   90.00
_cell.angle_beta   90.00
_cell.angle_gamma   90.00
#
_symmetry.space_group_name_H-M   'P 21 21 21'
#
loop_
_entity.id
_entity.type
_entity.pdbx_description
1 polymer 'Fumarylacetoacetate hydrolase family protein'
2 non-polymer 'MANGANESE (II) ION'
3 water water
#
_entity_poly.entity_id   1
_entity_poly.type   'polypeptide(L)'
_entity_poly.pdbx_seq_one_letter_code
;MASMKFATGELYNRMFVGLIIDDEKIMDLQKAEKKLFELETIPGSLIECIAEGDKFVAHARQLAEWAKKPNDELGSFMYS
LSEVKLHAPIPKPSKNIICIGKNYRDHAIEMGSEADIPEHPMVFTKSPVTVTGHGDIVKSHEEVTSQLDYEGELAVVIGK
SGTRISKEDAYDHVFGYTIVNDITARDLQKRHKQFFIGKSLDTTCPMGPVLVHKSSIQEPERLKVETRVNGELRQSGSAS
DMIFSIPELIETLSKGMTLEAGDIIATGTPSGVGKGFTPPKFLRSGDKIDITIDPIGTLSNQIGLEHHHHHH
;
_entity_poly.pdbx_strand_id   A,B
#
# COMPACT_ATOMS: atom_id res chain seq x y z
N MET A 4 -15.08 23.80 -0.26
CA MET A 4 -13.71 23.31 -0.01
C MET A 4 -13.38 22.02 -0.76
N LYS A 5 -13.22 22.11 -2.08
CA LYS A 5 -12.94 20.97 -2.92
C LYS A 5 -11.50 20.99 -3.41
N PHE A 6 -10.68 20.08 -2.87
CA PHE A 6 -9.28 19.96 -3.26
C PHE A 6 -9.15 18.97 -4.40
N ALA A 7 -8.07 19.11 -5.18
CA ALA A 7 -7.86 18.31 -6.37
C ALA A 7 -6.38 18.33 -6.77
N THR A 8 -5.96 17.29 -7.49
CA THR A 8 -4.66 17.30 -8.15
C THR A 8 -4.92 17.52 -9.63
N GLY A 9 -4.47 18.68 -10.13
CA GLY A 9 -4.66 19.05 -11.52
C GLY A 9 -3.35 18.97 -12.31
N GLU A 10 -3.47 18.95 -13.63
CA GLU A 10 -2.33 19.01 -14.53
C GLU A 10 -2.61 20.00 -15.64
N LEU A 11 -1.66 20.90 -15.89
CA LEU A 11 -1.79 21.92 -16.91
C LEU A 11 -0.42 22.21 -17.48
N TYR A 12 -0.30 22.10 -18.80
CA TYR A 12 0.96 22.29 -19.50
C TYR A 12 2.14 21.62 -18.78
N ASN A 13 1.93 20.34 -18.42
CA ASN A 13 2.98 19.49 -17.87
C ASN A 13 3.42 19.86 -16.46
N ARG A 14 2.62 20.69 -15.76
CA ARG A 14 2.78 20.89 -14.34
C ARG A 14 1.63 20.22 -13.58
N MET A 15 2.02 19.45 -12.55
CA MET A 15 1.09 18.85 -11.61
C MET A 15 1.01 19.77 -10.40
N PHE A 16 -0.20 20.06 -9.92
CA PHE A 16 -0.38 20.97 -8.81
C PHE A 16 -1.56 20.60 -7.93
N VAL A 17 -1.48 20.98 -6.65
CA VAL A 17 -2.60 20.88 -5.73
C VAL A 17 -3.51 22.09 -5.96
N GLY A 18 -4.77 21.80 -6.29
CA GLY A 18 -5.74 22.83 -6.63
C GLY A 18 -6.91 22.93 -5.65
N LEU A 19 -7.64 24.05 -5.75
CA LEU A 19 -8.87 24.26 -5.00
C LEU A 19 -9.94 24.74 -5.97
N ILE A 20 -11.02 23.96 -6.11
CA ILE A 20 -12.13 24.33 -6.98
C ILE A 20 -12.84 25.53 -6.33
N ILE A 21 -13.13 26.56 -7.13
CA ILE A 21 -13.63 27.82 -6.60
C ILE A 21 -15.14 27.89 -6.77
N ASP A 22 -15.62 28.41 -7.90
CA ASP A 22 -16.93 28.07 -8.43
C ASP A 22 -16.55 26.97 -9.39
N ASP A 23 -17.50 26.09 -9.70
CA ASP A 23 -17.14 24.80 -10.29
C ASP A 23 -16.84 24.91 -11.77
N GLU A 24 -16.33 26.08 -12.19
CA GLU A 24 -15.68 26.23 -13.49
C GLU A 24 -14.22 26.67 -13.37
N LYS A 25 -13.74 26.93 -12.15
CA LYS A 25 -12.39 27.42 -11.92
C LYS A 25 -11.62 26.56 -10.93
N ILE A 26 -10.31 26.44 -11.14
CA ILE A 26 -9.42 25.82 -10.18
C ILE A 26 -8.25 26.75 -9.86
N MET A 27 -8.02 26.96 -8.55
CA MET A 27 -6.92 27.76 -8.07
C MET A 27 -5.69 26.88 -7.82
N ASP A 28 -4.55 27.29 -8.41
CA ASP A 28 -3.27 26.68 -8.09
C ASP A 28 -2.71 27.28 -6.79
N LEU A 29 -2.82 26.51 -5.71
CA LEU A 29 -2.59 27.00 -4.36
C LEU A 29 -1.17 27.52 -4.12
N GLN A 30 -0.16 26.82 -4.64
CA GLN A 30 1.22 27.25 -4.48
C GLN A 30 1.47 28.60 -5.13
N LYS A 31 0.99 28.76 -6.37
CA LYS A 31 1.17 29.99 -7.12
C LYS A 31 0.31 31.14 -6.56
N ALA A 32 -0.85 30.78 -6.00
CA ALA A 32 -1.75 31.75 -5.39
C ALA A 32 -1.17 32.27 -4.08
N GLU A 33 -0.60 31.36 -3.28
CA GLU A 33 0.09 31.73 -2.07
C GLU A 33 1.21 32.72 -2.35
N LYS A 34 1.96 32.46 -3.44
CA LYS A 34 3.12 33.24 -3.81
C LYS A 34 2.76 34.69 -4.19
N LYS A 35 1.68 34.86 -4.96
CA LYS A 35 1.27 36.18 -5.39
C LYS A 35 0.59 36.97 -4.28
N LEU A 36 -0.31 36.31 -3.55
CA LEU A 36 -1.20 36.98 -2.62
C LEU A 36 -0.57 37.20 -1.24
N PHE A 37 0.26 36.27 -0.78
CA PHE A 37 0.89 36.39 0.53
C PHE A 37 2.41 36.48 0.49
N GLU A 38 3.00 36.34 -0.70
CA GLU A 38 4.45 36.29 -0.87
C GLU A 38 5.07 35.29 0.10
N LEU A 39 4.45 34.11 0.18
CA LEU A 39 4.92 32.98 0.97
C LEU A 39 5.04 31.76 0.08
N GLU A 40 5.89 30.80 0.47
CA GLU A 40 5.92 29.49 -0.16
C GLU A 40 6.03 28.42 0.92
N THR A 41 4.87 27.97 1.42
CA THR A 41 4.81 26.93 2.44
C THR A 41 4.01 25.70 2.00
N ILE A 42 3.05 25.88 1.08
CA ILE A 42 2.16 24.81 0.66
C ILE A 42 2.94 23.72 -0.08
N PRO A 43 2.93 22.45 0.40
CA PRO A 43 3.73 21.40 -0.22
C PRO A 43 3.18 20.95 -1.58
N GLY A 44 3.99 20.16 -2.29
CA GLY A 44 3.75 19.87 -3.70
C GLY A 44 2.68 18.81 -4.01
N SER A 45 2.26 18.03 -3.00
CA SER A 45 1.24 17.01 -3.19
C SER A 45 0.13 17.12 -2.15
N LEU A 46 -1.07 16.64 -2.54
CA LEU A 46 -2.23 16.76 -1.70
C LEU A 46 -2.12 15.92 -0.43
N ILE A 47 -1.42 14.78 -0.51
CA ILE A 47 -1.20 13.94 0.64
C ILE A 47 -0.35 14.65 1.72
N GLU A 48 0.67 15.39 1.28
CA GLU A 48 1.47 16.21 2.20
C GLU A 48 0.63 17.30 2.84
N CYS A 49 -0.22 17.95 2.02
CA CYS A 49 -1.15 18.96 2.50
C CYS A 49 -2.12 18.40 3.53
N ILE A 50 -2.66 17.20 3.26
CA ILE A 50 -3.57 16.53 4.17
C ILE A 50 -2.94 16.36 5.56
N ALA A 51 -1.63 16.04 5.58
CA ALA A 51 -0.93 15.79 6.83
C ALA A 51 -0.80 17.05 7.70
N GLU A 52 -0.81 18.23 7.07
CA GLU A 52 -0.79 19.50 7.79
C GLU A 52 -2.10 19.78 8.53
N GLY A 53 -3.20 19.19 8.07
CA GLY A 53 -4.45 19.18 8.80
C GLY A 53 -5.32 20.41 8.58
N ASP A 54 -6.02 20.82 9.66
CA ASP A 54 -6.93 21.95 9.62
C ASP A 54 -6.26 23.26 9.23
N LYS A 55 -4.96 23.40 9.50
CA LYS A 55 -4.28 24.66 9.24
C LYS A 55 -4.06 24.84 7.73
N PHE A 56 -3.74 23.76 7.02
CA PHE A 56 -3.70 23.82 5.56
C PHE A 56 -5.03 24.29 4.98
N VAL A 57 -6.15 23.72 5.47
CA VAL A 57 -7.47 24.04 4.95
C VAL A 57 -7.85 25.48 5.25
N ALA A 58 -7.53 25.95 6.47
CA ALA A 58 -7.75 27.34 6.85
C ALA A 58 -6.95 28.27 5.94
N HIS A 59 -5.68 27.93 5.71
CA HIS A 59 -4.83 28.67 4.79
C HIS A 59 -5.48 28.73 3.42
N ALA A 60 -5.99 27.58 2.94
CA ALA A 60 -6.61 27.52 1.63
C ALA A 60 -7.89 28.35 1.54
N ARG A 61 -8.69 28.37 2.61
CA ARG A 61 -9.88 29.20 2.66
C ARG A 61 -9.49 30.65 2.42
N GLN A 62 -8.45 31.12 3.13
CA GLN A 62 -8.00 32.49 3.08
C GLN A 62 -7.46 32.90 1.71
N LEU A 63 -6.73 31.99 1.06
CA LEU A 63 -6.27 32.23 -0.30
C LEU A 63 -7.43 32.45 -1.27
N ALA A 64 -8.49 31.63 -1.11
CA ALA A 64 -9.67 31.70 -1.95
C ALA A 64 -10.44 33.01 -1.79
N GLU A 65 -10.55 33.50 -0.56
CA GLU A 65 -11.20 34.78 -0.30
C GLU A 65 -10.36 35.96 -0.76
N TRP A 66 -9.03 35.84 -0.69
CA TRP A 66 -8.13 36.87 -1.23
C TRP A 66 -8.13 36.92 -2.76
N ALA A 67 -8.36 35.77 -3.39
CA ALA A 67 -8.52 35.70 -4.84
C ALA A 67 -9.82 36.31 -5.38
N LYS A 68 -10.81 36.51 -4.51
CA LYS A 68 -12.04 37.20 -4.88
C LYS A 68 -11.84 38.72 -4.97
N LYS A 69 -11.00 39.27 -4.09
CA LYS A 69 -10.63 40.69 -4.15
C LYS A 69 -9.86 40.99 -5.42
N PRO A 70 -10.15 42.11 -6.12
CA PRO A 70 -9.65 42.31 -7.48
C PRO A 70 -8.13 42.35 -7.55
N ASN A 71 -7.56 41.77 -8.61
CA ASN A 71 -6.17 41.99 -8.96
C ASN A 71 -5.92 41.57 -10.41
N ASP A 72 -4.76 41.97 -10.95
CA ASP A 72 -4.48 41.85 -12.37
C ASP A 72 -3.86 40.52 -12.81
N GLU A 73 -3.45 39.67 -11.87
CA GLU A 73 -2.70 38.48 -12.20
C GLU A 73 -3.44 37.20 -11.82
N LEU A 74 -4.76 37.16 -12.07
CA LEU A 74 -5.53 35.96 -11.83
C LEU A 74 -5.12 34.83 -12.77
N GLY A 75 -4.89 35.19 -14.05
CA GLY A 75 -4.68 34.19 -15.08
C GLY A 75 -3.49 33.28 -14.80
N SER A 76 -2.59 33.74 -13.91
CA SER A 76 -1.40 32.99 -13.56
C SER A 76 -1.56 31.94 -12.45
N PHE A 77 -2.62 32.05 -11.62
CA PHE A 77 -2.90 31.02 -10.63
C PHE A 77 -4.36 30.53 -10.59
N MET A 78 -5.25 31.16 -11.39
CA MET A 78 -6.63 30.72 -11.51
C MET A 78 -6.89 30.24 -12.93
N TYR A 79 -7.31 28.97 -13.07
CA TYR A 79 -7.54 28.39 -14.39
C TYR A 79 -8.96 27.82 -14.51
N SER A 80 -9.52 27.93 -15.71
CA SER A 80 -10.79 27.29 -16.03
C SER A 80 -10.66 25.78 -16.04
N LEU A 81 -11.63 25.09 -15.41
CA LEU A 81 -11.58 23.64 -15.29
C LEU A 81 -11.54 22.96 -16.65
N SER A 82 -12.21 23.54 -17.64
CA SER A 82 -12.18 23.04 -19.01
C SER A 82 -10.76 22.77 -19.50
N GLU A 83 -9.80 23.61 -19.07
CA GLU A 83 -8.42 23.54 -19.53
C GLU A 83 -7.49 22.61 -18.73
N VAL A 84 -8.01 22.02 -17.65
CA VAL A 84 -7.19 21.30 -16.68
C VAL A 84 -7.59 19.82 -16.58
N LYS A 85 -6.59 18.93 -16.74
CA LYS A 85 -6.77 17.51 -16.48
C LYS A 85 -6.77 17.26 -14.97
N LEU A 86 -7.87 16.67 -14.47
CA LEU A 86 -7.96 16.23 -13.10
C LEU A 86 -7.46 14.80 -12.95
N HIS A 87 -6.35 14.63 -12.21
CA HIS A 87 -5.90 13.30 -11.79
C HIS A 87 -6.69 12.90 -10.56
N ALA A 88 -6.41 11.70 -10.03
CA ALA A 88 -6.94 11.31 -8.74
C ALA A 88 -6.48 12.32 -7.69
N PRO A 89 -7.35 12.74 -6.75
CA PRO A 89 -6.94 13.68 -5.71
C PRO A 89 -5.61 13.28 -5.08
N ILE A 90 -5.46 11.98 -4.82
CA ILE A 90 -4.21 11.39 -4.34
C ILE A 90 -3.71 10.43 -5.40
N PRO A 91 -2.85 10.88 -6.35
CA PRO A 91 -2.42 10.03 -7.47
C PRO A 91 -1.69 8.76 -7.04
N LYS A 92 -0.87 8.89 -5.99
CA LYS A 92 -0.07 7.80 -5.46
C LYS A 92 -0.29 7.65 -3.96
N PRO A 93 -1.31 6.88 -3.51
CA PRO A 93 -1.43 6.50 -2.11
C PRO A 93 -0.15 5.83 -1.61
N SER A 94 0.14 6.03 -0.31
CA SER A 94 1.30 5.46 0.34
C SER A 94 1.09 4.00 0.74
N LYS A 95 -0.16 3.54 0.67
CA LYS A 95 -0.49 2.14 0.87
C LYS A 95 -1.71 1.79 0.02
N ASN A 96 -2.04 0.49 0.00
CA ASN A 96 -3.20 0.01 -0.75
C ASN A 96 -4.46 0.68 -0.21
N ILE A 97 -5.41 0.91 -1.11
CA ILE A 97 -6.73 1.40 -0.74
C ILE A 97 -7.41 0.33 0.10
N ILE A 98 -7.91 0.71 1.28
CA ILE A 98 -8.65 -0.19 2.14
C ILE A 98 -10.09 -0.24 1.63
N CYS A 99 -10.57 -1.46 1.33
CA CYS A 99 -11.90 -1.65 0.75
C CYS A 99 -12.77 -2.48 1.68
N ILE A 100 -14.00 -2.02 1.89
CA ILE A 100 -15.00 -2.79 2.61
C ILE A 100 -15.79 -3.62 1.61
N GLY A 101 -16.08 -4.87 1.98
CA GLY A 101 -16.92 -5.75 1.19
C GLY A 101 -18.29 -5.91 1.85
N LYS A 102 -19.35 -5.84 1.03
CA LYS A 102 -20.71 -6.08 1.48
C LYS A 102 -21.09 -5.22 2.68
N ASN A 103 -21.41 -3.95 2.41
CA ASN A 103 -21.75 -3.00 3.45
C ASN A 103 -23.08 -2.28 3.20
N TYR A 104 -23.83 -2.75 2.19
CA TYR A 104 -25.20 -2.33 1.96
C TYR A 104 -26.06 -3.59 2.01
N ARG A 105 -27.30 -3.46 2.48
CA ARG A 105 -28.10 -4.61 2.86
C ARG A 105 -28.46 -5.53 1.70
N ASP A 106 -28.78 -4.94 0.55
CA ASP A 106 -29.32 -5.69 -0.59
C ASP A 106 -28.25 -6.01 -1.64
N HIS A 107 -27.01 -5.53 -1.42
CA HIS A 107 -25.87 -5.84 -2.28
C HIS A 107 -25.43 -7.28 -2.05
N ALA A 108 -25.26 -7.66 -0.78
CA ALA A 108 -24.93 -9.04 -0.40
C ALA A 108 -25.92 -10.05 -0.98
N ILE A 109 -27.22 -9.71 -0.95
CA ILE A 109 -28.29 -10.61 -1.38
C ILE A 109 -28.14 -10.93 -2.89
N PRO A 118 -23.64 -10.26 7.58
CA PRO A 118 -22.27 -9.85 8.00
C PRO A 118 -22.31 -9.19 9.38
N GLU A 119 -21.67 -9.84 10.36
CA GLU A 119 -21.59 -9.33 11.73
C GLU A 119 -20.31 -8.55 11.94
N HIS A 120 -19.28 -8.84 11.13
CA HIS A 120 -18.02 -8.15 11.17
C HIS A 120 -17.67 -7.69 9.75
N PRO A 121 -17.06 -6.50 9.57
CA PRO A 121 -16.69 -6.01 8.24
C PRO A 121 -15.70 -6.91 7.51
N MET A 122 -15.97 -7.16 6.23
CA MET A 122 -15.03 -7.85 5.37
C MET A 122 -14.14 -6.79 4.71
N VAL A 123 -12.82 -6.89 4.94
CA VAL A 123 -11.87 -5.87 4.52
C VAL A 123 -10.76 -6.45 3.66
N PHE A 124 -10.49 -5.78 2.53
CA PHE A 124 -9.43 -6.19 1.62
C PHE A 124 -8.83 -4.91 1.01
N THR A 125 -7.96 -5.05 0.00
CA THR A 125 -7.26 -3.90 -0.54
C THR A 125 -7.09 -3.87 -2.06
N LYS A 126 -6.88 -2.66 -2.59
CA LYS A 126 -6.47 -2.42 -3.96
C LYS A 126 -5.08 -1.76 -4.01
N SER A 127 -4.18 -2.35 -4.81
CA SER A 127 -2.85 -1.80 -5.03
C SER A 127 -2.92 -0.34 -5.47
N PRO A 128 -1.96 0.52 -5.08
CA PRO A 128 -1.84 1.87 -5.66
C PRO A 128 -1.77 1.95 -7.18
N VAL A 129 -1.25 0.90 -7.84
CA VAL A 129 -1.20 0.87 -9.30
C VAL A 129 -2.58 0.87 -9.96
N THR A 130 -3.64 0.61 -9.18
CA THR A 130 -5.00 0.71 -9.69
C THR A 130 -5.47 2.15 -9.91
N VAL A 131 -4.87 3.09 -9.18
CA VAL A 131 -5.42 4.44 -9.06
C VAL A 131 -5.33 5.24 -10.36
N THR A 132 -6.44 5.85 -10.76
CA THR A 132 -6.50 6.69 -11.94
C THR A 132 -7.53 7.79 -11.68
N GLY A 133 -7.68 8.72 -12.63
CA GLY A 133 -8.43 9.93 -12.38
C GLY A 133 -9.72 10.06 -13.21
N HIS A 134 -10.44 11.16 -12.98
CA HIS A 134 -11.61 11.51 -13.77
C HIS A 134 -11.21 11.67 -15.23
N GLY A 135 -11.99 11.03 -16.12
CA GLY A 135 -11.75 11.10 -17.56
C GLY A 135 -10.73 10.11 -18.11
N ASP A 136 -9.99 9.42 -17.22
CA ASP A 136 -9.00 8.44 -17.65
C ASP A 136 -9.63 7.14 -18.13
N ILE A 137 -8.98 6.53 -19.12
CA ILE A 137 -9.37 5.25 -19.69
C ILE A 137 -9.02 4.10 -18.75
N VAL A 138 -10.00 3.26 -18.40
CA VAL A 138 -9.75 2.01 -17.71
C VAL A 138 -9.51 0.88 -18.71
N LYS A 139 -8.41 0.14 -18.52
CA LYS A 139 -8.09 -0.99 -19.38
C LYS A 139 -9.15 -2.08 -19.23
N SER A 140 -9.55 -2.68 -20.36
CA SER A 140 -10.54 -3.74 -20.35
C SER A 140 -9.95 -5.05 -19.85
N HIS A 141 -8.63 -5.23 -20.03
CA HIS A 141 -7.93 -6.43 -19.59
C HIS A 141 -8.62 -7.66 -20.17
N GLU A 142 -8.76 -7.71 -21.50
CA GLU A 142 -9.51 -8.78 -22.16
C GLU A 142 -8.81 -10.13 -22.12
N GLU A 143 -7.47 -10.12 -22.15
CA GLU A 143 -6.70 -11.23 -21.60
C GLU A 143 -6.76 -10.97 -20.10
N VAL A 144 -6.85 -12.04 -19.30
CA VAL A 144 -6.94 -11.94 -17.86
C VAL A 144 -8.38 -12.19 -17.42
N THR A 145 -9.33 -11.39 -17.94
CA THR A 145 -10.71 -11.49 -17.50
C THR A 145 -11.69 -11.10 -18.61
N SER A 146 -12.89 -11.68 -18.55
CA SER A 146 -14.03 -11.18 -19.31
C SER A 146 -15.20 -10.93 -18.36
N GLN A 147 -14.87 -10.67 -17.09
CA GLN A 147 -15.84 -10.38 -16.05
C GLN A 147 -15.45 -9.14 -15.25
N LEU A 148 -15.00 -8.08 -15.93
CA LEU A 148 -14.85 -6.78 -15.30
C LEU A 148 -16.20 -6.25 -14.87
N ASP A 149 -16.26 -5.68 -13.66
CA ASP A 149 -17.48 -5.16 -13.10
C ASP A 149 -17.23 -3.83 -12.40
N TYR A 150 -18.24 -2.96 -12.38
CA TYR A 150 -18.16 -1.66 -11.73
C TYR A 150 -18.64 -1.73 -10.28
N GLU A 151 -18.15 -0.81 -9.45
CA GLU A 151 -18.63 -0.62 -8.09
C GLU A 151 -18.44 0.83 -7.65
N GLY A 152 -19.53 1.61 -7.69
CA GLY A 152 -19.51 2.98 -7.21
C GLY A 152 -19.51 3.02 -5.69
N GLU A 153 -18.56 3.77 -5.10
CA GLU A 153 -18.43 3.84 -3.65
C GLU A 153 -18.05 5.23 -3.14
N LEU A 154 -18.47 5.49 -1.91
CA LEU A 154 -18.00 6.63 -1.14
C LEU A 154 -16.66 6.25 -0.51
N ALA A 155 -15.65 7.09 -0.73
CA ALA A 155 -14.35 6.90 -0.12
C ALA A 155 -14.12 7.97 0.95
N VAL A 156 -13.56 7.55 2.09
CA VAL A 156 -13.18 8.47 3.14
C VAL A 156 -11.65 8.55 3.16
N VAL A 157 -11.13 9.76 3.30
CA VAL A 157 -9.69 9.97 3.39
C VAL A 157 -9.34 10.39 4.82
N ILE A 158 -8.38 9.67 5.41
CA ILE A 158 -7.92 9.94 6.76
C ILE A 158 -7.03 11.18 6.74
N GLY A 159 -7.21 12.06 7.74
CA GLY A 159 -6.49 13.33 7.77
C GLY A 159 -5.56 13.50 8.96
N LYS A 160 -5.56 12.52 9.85
CA LYS A 160 -4.92 12.64 11.14
C LYS A 160 -4.72 11.22 11.65
N SER A 161 -3.45 10.84 11.83
CA SER A 161 -3.11 9.48 12.14
C SER A 161 -3.63 9.13 13.53
N GLY A 162 -3.84 7.84 13.76
CA GLY A 162 -4.31 7.36 15.06
C GLY A 162 -4.40 5.85 15.09
N THR A 163 -4.45 5.30 16.30
CA THR A 163 -4.72 3.89 16.51
C THR A 163 -5.67 3.79 17.71
N ARG A 164 -6.44 2.69 17.77
CA ARG A 164 -7.50 2.51 18.75
C ARG A 164 -8.36 3.77 18.81
N ILE A 165 -8.80 4.23 17.65
CA ILE A 165 -9.73 5.35 17.53
C ILE A 165 -11.12 4.85 17.90
N SER A 166 -11.78 5.52 18.84
CA SER A 166 -13.15 5.20 19.19
C SER A 166 -14.11 5.77 18.14
N LYS A 167 -15.34 5.24 18.09
CA LYS A 167 -16.39 5.74 17.22
C LYS A 167 -16.71 7.22 17.44
N GLU A 168 -16.67 7.63 18.70
CA GLU A 168 -17.05 8.97 19.13
C GLU A 168 -16.18 10.05 18.49
N ASP A 169 -14.89 9.74 18.31
CA ASP A 169 -13.95 10.69 17.72
C ASP A 169 -13.43 10.22 16.37
N ALA A 170 -14.19 9.39 15.68
CA ALA A 170 -13.75 8.86 14.40
C ALA A 170 -13.65 10.00 13.38
N TYR A 171 -14.65 10.88 13.38
CA TYR A 171 -14.71 11.97 12.41
C TYR A 171 -13.60 13.01 12.61
N ASP A 172 -13.01 13.05 13.81
CA ASP A 172 -11.80 13.81 14.04
C ASP A 172 -10.61 13.35 13.19
N HIS A 173 -10.61 12.07 12.77
CA HIS A 173 -9.49 11.54 12.02
C HIS A 173 -9.79 11.54 10.53
N VAL A 174 -10.96 12.07 10.15
CA VAL A 174 -11.36 12.15 8.76
C VAL A 174 -10.95 13.50 8.20
N PHE A 175 -10.32 13.49 7.01
CA PHE A 175 -10.05 14.73 6.28
C PHE A 175 -11.27 15.07 5.44
N GLY A 176 -11.65 14.14 4.55
CA GLY A 176 -12.74 14.41 3.62
C GLY A 176 -13.18 13.19 2.83
N TYR A 177 -13.93 13.44 1.77
CA TYR A 177 -14.62 12.39 1.02
C TYR A 177 -14.36 12.55 -0.46
N THR A 178 -14.24 11.43 -1.15
CA THR A 178 -14.18 11.43 -2.60
C THR A 178 -15.01 10.24 -3.11
N ILE A 179 -15.03 10.08 -4.43
CA ILE A 179 -15.67 8.93 -5.05
C ILE A 179 -14.58 7.95 -5.48
N VAL A 180 -14.89 6.66 -5.35
CA VAL A 180 -14.09 5.60 -5.96
C VAL A 180 -15.00 4.74 -6.83
N ASN A 181 -14.41 4.21 -7.91
CA ASN A 181 -14.98 3.13 -8.68
C ASN A 181 -14.09 1.91 -8.44
N ASP A 182 -14.56 0.97 -7.60
CA ASP A 182 -13.82 -0.23 -7.25
C ASP A 182 -14.03 -1.33 -8.30
N ILE A 183 -13.40 -1.15 -9.46
CA ILE A 183 -13.55 -2.04 -10.59
C ILE A 183 -12.90 -3.38 -10.27
N THR A 184 -13.63 -4.47 -10.58
CA THR A 184 -13.31 -5.80 -10.09
C THR A 184 -13.46 -6.84 -11.19
N ALA A 185 -12.47 -7.76 -11.27
CA ALA A 185 -12.58 -8.94 -12.10
C ALA A 185 -13.15 -10.07 -11.25
N ARG A 186 -14.41 -10.45 -11.54
CA ARG A 186 -15.18 -11.34 -10.69
C ARG A 186 -14.66 -12.79 -10.72
N ASP A 187 -14.10 -13.19 -11.86
CA ASP A 187 -13.52 -14.52 -12.02
C ASP A 187 -12.22 -14.65 -11.23
N LEU A 188 -11.36 -13.62 -11.29
CA LEU A 188 -10.11 -13.62 -10.54
C LEU A 188 -10.33 -13.57 -9.03
N GLN A 189 -11.39 -12.88 -8.58
CA GLN A 189 -11.84 -12.97 -7.21
C GLN A 189 -12.06 -14.42 -6.72
N LYS A 190 -12.87 -15.18 -7.46
CA LYS A 190 -13.15 -16.56 -7.12
C LYS A 190 -11.90 -17.43 -7.25
N ARG A 191 -11.13 -17.21 -8.31
CA ARG A 191 -9.93 -17.99 -8.61
C ARG A 191 -8.88 -17.97 -7.48
N HIS A 192 -8.66 -16.80 -6.86
CA HIS A 192 -7.59 -16.62 -5.90
C HIS A 192 -8.13 -16.53 -4.47
N LYS A 193 -9.44 -16.78 -4.29
CA LYS A 193 -10.13 -16.74 -3.01
C LYS A 193 -10.06 -15.37 -2.35
N GLN A 194 -8.85 -14.97 -1.91
CA GLN A 194 -8.59 -13.63 -1.46
C GLN A 194 -8.71 -12.68 -2.65
N PHE A 195 -9.21 -11.46 -2.39
CA PHE A 195 -9.67 -10.59 -3.46
C PHE A 195 -8.58 -9.74 -4.11
N PHE A 196 -7.35 -9.78 -3.57
CA PHE A 196 -6.31 -8.85 -3.97
C PHE A 196 -6.07 -8.79 -5.48
N ILE A 197 -5.81 -9.95 -6.11
CA ILE A 197 -5.50 -9.99 -7.53
C ILE A 197 -6.65 -9.47 -8.40
N GLY A 198 -7.88 -9.92 -8.12
CA GLY A 198 -9.05 -9.49 -8.88
C GLY A 198 -9.44 -8.03 -8.66
N LYS A 199 -8.90 -7.44 -7.58
CA LYS A 199 -9.18 -6.06 -7.21
C LYS A 199 -8.06 -5.10 -7.63
N SER A 200 -6.89 -5.64 -8.04
CA SER A 200 -5.69 -4.86 -8.24
C SER A 200 -5.10 -4.89 -9.65
N LEU A 201 -5.97 -5.04 -10.65
CA LEU A 201 -5.58 -4.86 -12.04
C LEU A 201 -5.28 -3.38 -12.31
N ASP A 202 -4.34 -3.12 -13.22
CA ASP A 202 -3.96 -1.76 -13.57
C ASP A 202 -5.16 -0.91 -13.98
N THR A 203 -5.23 0.29 -13.40
CA THR A 203 -6.21 1.32 -13.72
C THR A 203 -7.64 1.08 -13.24
N THR A 204 -7.83 0.09 -12.36
CA THR A 204 -9.18 -0.28 -11.92
C THR A 204 -9.64 0.44 -10.64
N CYS A 205 -9.02 1.58 -10.33
CA CYS A 205 -9.52 2.42 -9.25
C CYS A 205 -9.58 3.90 -9.63
N PRO A 206 -10.49 4.28 -10.54
CA PRO A 206 -10.86 5.69 -10.69
C PRO A 206 -11.18 6.31 -9.34
N MET A 207 -10.71 7.53 -9.12
CA MET A 207 -10.85 8.20 -7.84
C MET A 207 -10.96 9.71 -8.11
N GLY A 208 -11.92 10.36 -7.46
CA GLY A 208 -12.13 11.80 -7.64
C GLY A 208 -13.60 12.14 -7.90
N PRO A 209 -13.92 13.22 -8.65
CA PRO A 209 -12.91 14.07 -9.29
C PRO A 209 -12.16 14.98 -8.32
N VAL A 210 -12.71 15.14 -7.11
CA VAL A 210 -12.15 16.01 -6.10
C VAL A 210 -12.25 15.35 -4.73
N LEU A 211 -11.53 15.93 -3.77
CA LEU A 211 -11.61 15.56 -2.37
C LEU A 211 -12.24 16.73 -1.60
N VAL A 212 -13.51 16.54 -1.19
CA VAL A 212 -14.27 17.54 -0.46
C VAL A 212 -13.93 17.41 1.01
N HIS A 213 -13.51 18.53 1.63
CA HIS A 213 -13.16 18.56 3.04
C HIS A 213 -14.42 18.32 3.88
N LYS A 214 -14.28 17.58 4.98
CA LYS A 214 -15.41 17.23 5.82
C LYS A 214 -16.18 18.43 6.36
N SER A 215 -15.49 19.57 6.54
CA SER A 215 -16.12 20.81 6.97
C SER A 215 -17.27 21.25 6.06
N SER A 216 -17.23 20.82 4.79
CA SER A 216 -18.28 21.11 3.82
C SER A 216 -19.42 20.10 3.82
N ILE A 217 -19.17 18.91 4.39
CA ILE A 217 -20.16 17.84 4.46
C ILE A 217 -20.42 17.55 5.94
N GLN A 218 -21.32 18.33 6.55
CA GLN A 218 -21.69 18.15 7.94
C GLN A 218 -22.43 16.84 8.22
N GLU A 219 -23.22 16.35 7.25
CA GLU A 219 -24.04 15.16 7.40
C GLU A 219 -23.64 14.12 6.35
N PRO A 220 -22.57 13.33 6.57
CA PRO A 220 -22.17 12.31 5.60
C PRO A 220 -23.12 11.12 5.51
N GLU A 221 -23.99 10.98 6.52
CA GLU A 221 -25.02 9.95 6.52
C GLU A 221 -26.04 10.16 5.40
N ARG A 222 -26.24 11.42 5.00
CA ARG A 222 -27.18 11.78 3.94
C ARG A 222 -26.56 11.80 2.55
N LEU A 223 -25.29 11.36 2.44
CA LEU A 223 -24.65 11.22 1.13
C LEU A 223 -25.28 10.08 0.35
N LYS A 224 -25.39 10.26 -0.97
CA LYS A 224 -26.08 9.32 -1.83
C LYS A 224 -25.20 9.01 -3.05
N VAL A 225 -24.98 7.71 -3.30
CA VAL A 225 -24.16 7.27 -4.42
C VAL A 225 -25.04 6.74 -5.54
N GLU A 226 -24.73 7.17 -6.77
CA GLU A 226 -25.51 6.81 -7.95
C GLU A 226 -24.58 6.45 -9.09
N THR A 227 -24.81 5.29 -9.71
CA THR A 227 -23.97 4.82 -10.80
C THR A 227 -24.81 4.65 -12.05
N ARG A 228 -24.30 5.18 -13.17
CA ARG A 228 -24.90 4.99 -14.47
C ARG A 228 -23.88 4.30 -15.38
N VAL A 229 -24.35 3.35 -16.18
CA VAL A 229 -23.52 2.68 -17.16
C VAL A 229 -24.16 2.94 -18.53
N ASN A 230 -23.39 3.61 -19.41
CA ASN A 230 -23.89 4.10 -20.68
C ASN A 230 -25.21 4.86 -20.51
N GLY A 231 -25.27 5.73 -19.49
CA GLY A 231 -26.42 6.57 -19.26
C GLY A 231 -27.51 5.94 -18.38
N GLU A 232 -27.48 4.60 -18.28
CA GLU A 232 -28.51 3.85 -17.59
C GLU A 232 -28.17 3.69 -16.11
N LEU A 233 -29.11 4.10 -15.24
CA LEU A 233 -28.92 3.99 -13.80
C LEU A 233 -28.86 2.53 -13.36
N ARG A 234 -27.76 2.18 -12.68
CA ARG A 234 -27.55 0.83 -12.16
C ARG A 234 -27.59 0.79 -10.63
N GLN A 235 -26.85 1.70 -9.98
CA GLN A 235 -26.78 1.75 -8.53
C GLN A 235 -27.36 3.04 -7.95
N SER A 236 -27.97 2.93 -6.76
CA SER A 236 -28.50 4.07 -6.04
C SER A 236 -28.71 3.71 -4.57
N GLY A 237 -27.69 4.00 -3.75
CA GLY A 237 -27.74 3.76 -2.31
C GLY A 237 -27.44 5.02 -1.50
N SER A 238 -27.84 4.99 -0.22
CA SER A 238 -27.59 6.07 0.72
C SER A 238 -26.66 5.58 1.83
N ALA A 239 -25.72 6.46 2.23
CA ALA A 239 -24.75 6.12 3.26
C ALA A 239 -25.40 5.76 4.60
N SER A 240 -26.65 6.20 4.82
CA SER A 240 -27.40 5.83 6.01
C SER A 240 -27.77 4.35 6.04
N ASP A 241 -27.82 3.73 4.86
CA ASP A 241 -28.15 2.31 4.73
C ASP A 241 -26.94 1.39 4.92
N MET A 242 -25.75 1.98 5.07
CA MET A 242 -24.56 1.18 5.30
C MET A 242 -24.75 0.32 6.54
N ILE A 243 -24.35 -0.96 6.45
CA ILE A 243 -24.39 -1.87 7.58
C ILE A 243 -23.45 -1.39 8.68
N PHE A 244 -22.20 -1.10 8.28
CA PHE A 244 -21.20 -0.52 9.15
C PHE A 244 -20.96 0.93 8.73
N SER A 245 -21.22 1.86 9.66
CA SER A 245 -21.04 3.28 9.40
C SER A 245 -19.56 3.61 9.41
N ILE A 246 -19.23 4.80 8.88
CA ILE A 246 -17.85 5.26 8.79
C ILE A 246 -17.16 5.24 10.16
N PRO A 247 -17.77 5.76 11.24
CA PRO A 247 -17.14 5.70 12.57
C PRO A 247 -16.82 4.29 13.04
N GLU A 248 -17.72 3.34 12.74
CA GLU A 248 -17.54 1.94 13.13
C GLU A 248 -16.40 1.29 12.37
N LEU A 249 -16.29 1.58 11.07
CA LEU A 249 -15.21 1.09 10.23
C LEU A 249 -13.85 1.58 10.72
N ILE A 250 -13.79 2.88 11.06
CA ILE A 250 -12.57 3.46 11.58
C ILE A 250 -12.18 2.84 12.91
N GLU A 251 -13.18 2.58 13.77
CA GLU A 251 -12.94 1.95 15.06
C GLU A 251 -12.33 0.55 14.91
N THR A 252 -12.91 -0.27 14.03
CA THR A 252 -12.48 -1.63 13.78
C THR A 252 -11.13 -1.73 13.07
N LEU A 253 -10.98 -0.93 12.01
CA LEU A 253 -9.76 -0.88 11.24
C LEU A 253 -8.56 -0.48 12.08
N SER A 254 -8.77 0.46 13.01
CA SER A 254 -7.69 1.02 13.79
C SER A 254 -7.49 0.33 15.14
N LYS A 255 -8.16 -0.82 15.34
CA LYS A 255 -8.19 -1.46 16.65
C LYS A 255 -6.79 -1.92 17.07
N GLY A 256 -6.04 -2.49 16.12
CA GLY A 256 -4.64 -2.84 16.34
C GLY A 256 -3.70 -2.35 15.24
N MET A 257 -4.16 -1.35 14.48
CA MET A 257 -3.44 -0.87 13.31
C MET A 257 -3.50 0.66 13.26
N THR A 258 -2.42 1.28 12.79
CA THR A 258 -2.36 2.72 12.71
C THR A 258 -2.91 3.19 11.37
N LEU A 259 -3.91 4.06 11.43
CA LEU A 259 -4.40 4.76 10.25
C LEU A 259 -3.60 6.05 10.13
N GLU A 260 -3.10 6.32 8.92
CA GLU A 260 -2.23 7.46 8.69
C GLU A 260 -2.91 8.47 7.75
N ALA A 261 -2.46 9.73 7.83
CA ALA A 261 -2.93 10.78 6.95
C ALA A 261 -2.74 10.33 5.50
N GLY A 262 -3.79 10.46 4.71
CA GLY A 262 -3.75 10.04 3.31
C GLY A 262 -4.26 8.64 3.00
N ASP A 263 -4.58 7.85 4.04
CA ASP A 263 -5.17 6.53 3.86
C ASP A 263 -6.61 6.64 3.35
N ILE A 264 -6.93 5.82 2.35
CA ILE A 264 -8.22 5.86 1.67
C ILE A 264 -9.02 4.61 1.99
N ILE A 265 -10.25 4.80 2.51
CA ILE A 265 -11.17 3.72 2.79
C ILE A 265 -12.37 3.78 1.83
N ALA A 266 -12.51 2.79 0.95
CA ALA A 266 -13.69 2.63 0.13
C ALA A 266 -14.76 1.86 0.92
N THR A 267 -15.90 2.50 1.16
CA THR A 267 -16.84 2.06 2.18
C THR A 267 -17.91 1.09 1.68
N GLY A 268 -17.75 0.60 0.45
CA GLY A 268 -18.61 -0.44 -0.08
C GLY A 268 -19.57 0.09 -1.12
N THR A 269 -20.04 -0.82 -2.00
CA THR A 269 -20.92 -0.44 -3.09
C THR A 269 -22.33 -0.89 -2.77
N PRO A 270 -23.39 -0.14 -3.16
CA PRO A 270 -24.76 -0.64 -3.08
C PRO A 270 -25.04 -1.72 -4.12
N SER A 271 -26.26 -2.28 -4.09
CA SER A 271 -26.68 -3.24 -5.10
C SER A 271 -26.84 -2.54 -6.44
N GLY A 272 -26.81 -3.35 -7.51
CA GLY A 272 -26.88 -2.85 -8.87
C GLY A 272 -25.64 -3.14 -9.71
N VAL A 273 -24.67 -3.86 -9.14
CA VAL A 273 -23.48 -4.26 -9.87
C VAL A 273 -23.86 -5.22 -10.99
N GLY A 274 -22.99 -5.29 -12.01
CA GLY A 274 -23.22 -6.09 -13.21
C GLY A 274 -23.40 -7.58 -12.94
N LYS A 275 -22.63 -8.11 -11.99
CA LYS A 275 -22.75 -9.51 -11.59
C LYS A 275 -24.13 -9.82 -11.02
N GLY A 276 -24.82 -8.79 -10.50
CA GLY A 276 -26.11 -8.96 -9.84
C GLY A 276 -27.28 -9.35 -10.76
N PHE A 277 -27.15 -9.05 -12.06
CA PHE A 277 -28.23 -9.30 -13.00
C PHE A 277 -28.17 -10.72 -13.56
N THR A 278 -29.34 -11.30 -13.83
CA THR A 278 -29.44 -12.54 -14.58
C THR A 278 -29.50 -12.07 -16.02
N PRO A 279 -28.99 -12.82 -17.01
CA PRO A 279 -27.77 -12.46 -17.72
C PRO A 279 -26.96 -11.39 -16.98
N PRO A 280 -25.77 -11.73 -16.42
CA PRO A 280 -24.87 -10.73 -15.84
C PRO A 280 -24.39 -9.71 -16.87
N LYS A 281 -24.22 -8.46 -16.43
CA LYS A 281 -23.78 -7.37 -17.29
C LYS A 281 -22.35 -6.95 -16.96
N PHE A 282 -21.39 -7.59 -17.63
CA PHE A 282 -19.99 -7.26 -17.44
C PHE A 282 -19.57 -6.16 -18.41
N LEU A 283 -18.51 -5.43 -18.02
CA LEU A 283 -18.02 -4.29 -18.78
C LEU A 283 -17.30 -4.76 -20.04
N ARG A 284 -17.51 -4.00 -21.11
CA ARG A 284 -16.87 -4.25 -22.39
C ARG A 284 -16.23 -2.94 -22.87
N SER A 285 -15.34 -3.04 -23.86
CA SER A 285 -14.76 -1.89 -24.53
C SER A 285 -15.81 -0.86 -24.92
N GLY A 286 -15.57 0.40 -24.53
CA GLY A 286 -16.40 1.51 -24.97
C GLY A 286 -17.43 1.98 -23.93
N ASP A 287 -17.63 1.17 -22.88
CA ASP A 287 -18.64 1.45 -21.88
C ASP A 287 -18.22 2.64 -21.01
N LYS A 288 -19.18 3.55 -20.78
CA LYS A 288 -18.98 4.72 -19.95
C LYS A 288 -19.60 4.53 -18.57
N ILE A 289 -18.81 4.77 -17.52
CA ILE A 289 -19.28 4.67 -16.15
C ILE A 289 -19.23 6.04 -15.47
N ASP A 290 -20.40 6.56 -15.09
CA ASP A 290 -20.50 7.80 -14.35
C ASP A 290 -21.03 7.57 -12.94
N ILE A 291 -20.21 7.87 -11.93
CA ILE A 291 -20.62 7.75 -10.53
C ILE A 291 -20.80 9.14 -9.92
N THR A 292 -21.98 9.41 -9.35
CA THR A 292 -22.31 10.71 -8.81
C THR A 292 -22.60 10.64 -7.32
N ILE A 293 -21.86 11.45 -6.54
CA ILE A 293 -22.16 11.72 -5.15
C ILE A 293 -22.07 13.23 -4.97
N ASP A 294 -23.21 13.89 -4.69
CA ASP A 294 -23.16 15.32 -4.40
C ASP A 294 -22.80 15.55 -2.93
N PRO A 295 -22.02 16.60 -2.60
CA PRO A 295 -21.50 17.58 -3.56
C PRO A 295 -20.07 17.36 -4.03
N ILE A 296 -19.64 16.09 -4.11
CA ILE A 296 -18.32 15.76 -4.62
C ILE A 296 -18.27 15.85 -6.14
N GLY A 297 -19.42 15.62 -6.81
CA GLY A 297 -19.52 15.71 -8.25
C GLY A 297 -19.59 14.33 -8.90
N THR A 298 -19.11 14.25 -10.15
CA THR A 298 -19.23 13.03 -10.94
C THR A 298 -17.87 12.50 -11.38
N LEU A 299 -17.65 11.20 -11.13
CA LEU A 299 -16.46 10.50 -11.58
C LEU A 299 -16.82 9.65 -12.81
N SER A 300 -16.22 10.01 -13.95
CA SER A 300 -16.52 9.41 -15.24
C SER A 300 -15.29 8.75 -15.84
N ASN A 301 -15.44 7.52 -16.32
CA ASN A 301 -14.37 6.79 -16.97
C ASN A 301 -14.93 5.91 -18.07
N GLN A 302 -14.08 5.61 -19.06
CA GLN A 302 -14.47 4.78 -20.19
C GLN A 302 -13.55 3.56 -20.24
N ILE A 303 -14.12 2.42 -20.65
CA ILE A 303 -13.35 1.20 -20.83
C ILE A 303 -12.67 1.25 -22.20
N GLY A 304 -11.37 0.97 -22.24
CA GLY A 304 -10.55 1.14 -23.43
C GLY A 304 -10.66 -0.01 -24.42
N MET B 4 27.17 -9.42 -1.38
CA MET B 4 26.33 -8.24 -1.61
C MET B 4 25.08 -8.21 -0.73
N LYS B 5 25.28 -7.88 0.56
CA LYS B 5 24.19 -7.77 1.50
C LYS B 5 23.89 -6.31 1.83
N PHE B 6 22.75 -5.82 1.34
CA PHE B 6 22.31 -4.46 1.61
C PHE B 6 21.46 -4.44 2.87
N ALA B 7 21.40 -3.26 3.50
CA ALA B 7 20.70 -3.06 4.75
C ALA B 7 20.37 -1.58 4.93
N THR B 8 19.33 -1.31 5.74
CA THR B 8 19.10 0.01 6.26
C THR B 8 19.55 0.00 7.72
N GLY B 9 20.60 0.77 8.01
CA GLY B 9 21.13 0.91 9.36
C GLY B 9 20.77 2.25 9.99
N GLU B 10 20.93 2.35 11.32
CA GLU B 10 20.79 3.60 12.02
C GLU B 10 21.98 3.79 12.96
N LEU B 11 22.59 4.97 12.88
CA LEU B 11 23.74 5.31 13.71
C LEU B 11 23.72 6.82 13.99
N TYR B 12 23.90 7.20 15.26
CA TYR B 12 23.86 8.59 15.68
C TYR B 12 22.60 9.27 15.12
N ASN B 13 21.47 8.57 15.25
CA ASN B 13 20.16 9.08 14.91
C ASN B 13 19.92 9.29 13.41
N ARG B 14 20.80 8.77 12.56
CA ARG B 14 20.63 8.87 11.12
C ARG B 14 20.41 7.48 10.50
N MET B 15 19.42 7.38 9.60
CA MET B 15 19.24 6.16 8.82
C MET B 15 20.00 6.26 7.50
N PHE B 16 20.68 5.16 7.14
CA PHE B 16 21.50 5.11 5.95
C PHE B 16 21.40 3.75 5.27
N VAL B 17 21.64 3.75 3.95
CA VAL B 17 21.75 2.54 3.17
C VAL B 17 23.15 1.98 3.35
N GLY B 18 23.25 0.74 3.85
CA GLY B 18 24.53 0.12 4.13
C GLY B 18 24.80 -1.12 3.29
N LEU B 19 26.08 -1.54 3.28
CA LEU B 19 26.51 -2.77 2.63
C LEU B 19 27.37 -3.54 3.62
N ILE B 20 26.91 -4.75 4.00
CA ILE B 20 27.66 -5.61 4.90
C ILE B 20 28.91 -6.09 4.17
N ILE B 21 30.07 -6.00 4.84
CA ILE B 21 31.35 -6.26 4.21
C ILE B 21 31.80 -7.68 4.51
N ASP B 22 32.37 -7.90 5.70
CA ASP B 22 32.70 -9.25 6.14
C ASP B 22 31.42 -9.90 6.66
N ASP B 23 31.23 -9.94 7.98
CA ASP B 23 29.88 -9.92 8.52
C ASP B 23 29.87 -9.37 9.96
N GLU B 24 30.89 -8.55 10.28
CA GLU B 24 30.89 -7.72 11.48
C GLU B 24 30.97 -6.23 11.18
N LYS B 25 31.07 -5.87 9.89
CA LYS B 25 31.21 -4.49 9.46
C LYS B 25 30.14 -4.08 8.46
N ILE B 26 29.71 -2.82 8.51
CA ILE B 26 28.76 -2.27 7.56
C ILE B 26 29.31 -0.96 7.00
N MET B 27 29.29 -0.84 5.67
CA MET B 27 29.73 0.36 4.99
C MET B 27 28.55 1.29 4.70
N ASP B 28 28.68 2.55 5.12
CA ASP B 28 27.73 3.59 4.78
C ASP B 28 28.02 4.11 3.37
N LEU B 29 27.18 3.71 2.41
CA LEU B 29 27.44 3.94 0.99
C LEU B 29 27.52 5.41 0.60
N GLN B 30 26.61 6.24 1.14
CA GLN B 30 26.62 7.67 0.85
C GLN B 30 27.92 8.33 1.30
N LYS B 31 28.34 8.02 2.53
CA LYS B 31 29.55 8.59 3.10
C LYS B 31 30.80 8.01 2.47
N ALA B 32 30.74 6.75 2.01
CA ALA B 32 31.85 6.11 1.32
C ALA B 32 32.06 6.71 -0.06
N GLU B 33 30.94 6.96 -0.77
CA GLU B 33 30.99 7.67 -2.04
C GLU B 33 31.63 9.05 -1.89
N LYS B 34 31.28 9.74 -0.82
CA LYS B 34 31.74 11.09 -0.55
C LYS B 34 33.24 11.17 -0.29
N LYS B 35 33.80 10.21 0.47
CA LYS B 35 35.24 10.19 0.74
C LYS B 35 36.05 9.72 -0.46
N LEU B 36 35.59 8.66 -1.11
CA LEU B 36 36.35 7.98 -2.14
C LEU B 36 36.26 8.64 -3.51
N PHE B 37 35.09 9.18 -3.87
CA PHE B 37 34.89 9.80 -5.17
C PHE B 37 34.56 11.29 -5.11
N GLU B 38 34.34 11.81 -3.89
CA GLU B 38 33.90 13.19 -3.71
C GLU B 38 32.70 13.51 -4.59
N LEU B 39 31.75 12.57 -4.63
CA LEU B 39 30.48 12.74 -5.32
C LEU B 39 29.36 12.33 -4.35
N GLU B 40 28.15 12.82 -4.63
CA GLU B 40 26.97 12.49 -3.85
C GLU B 40 25.80 12.21 -4.79
N THR B 41 25.66 10.93 -5.17
CA THR B 41 24.58 10.50 -6.05
C THR B 41 23.67 9.43 -5.43
N ILE B 42 24.22 8.64 -4.50
CA ILE B 42 23.47 7.54 -3.90
C ILE B 42 22.31 8.06 -3.05
N PRO B 43 21.04 7.69 -3.35
CA PRO B 43 19.88 8.22 -2.61
C PRO B 43 19.79 7.70 -1.18
N GLY B 44 18.90 8.31 -0.39
CA GLY B 44 18.86 8.11 1.04
C GLY B 44 18.19 6.82 1.54
N SER B 45 17.43 6.15 0.67
CA SER B 45 16.74 4.93 1.04
C SER B 45 17.02 3.78 0.06
N LEU B 46 16.95 2.56 0.58
CA LEU B 46 17.29 1.38 -0.20
C LEU B 46 16.30 1.13 -1.33
N ILE B 47 15.03 1.53 -1.13
CA ILE B 47 14.02 1.39 -2.17
C ILE B 47 14.34 2.29 -3.36
N GLU B 48 14.83 3.52 -3.11
CA GLU B 48 15.26 4.42 -4.18
C GLU B 48 16.47 3.85 -4.91
N CYS B 49 17.42 3.28 -4.16
CA CYS B 49 18.57 2.60 -4.72
C CYS B 49 18.18 1.43 -5.61
N ILE B 50 17.21 0.64 -5.15
CA ILE B 50 16.70 -0.49 -5.92
C ILE B 50 16.17 -0.03 -7.29
N ALA B 51 15.51 1.12 -7.30
CA ALA B 51 14.92 1.68 -8.52
C ALA B 51 15.97 2.09 -9.55
N GLU B 52 17.19 2.43 -9.09
CA GLU B 52 18.30 2.74 -9.98
C GLU B 52 18.79 1.51 -10.77
N GLY B 53 18.57 0.32 -10.22
CA GLY B 53 18.86 -0.91 -10.92
C GLY B 53 20.31 -1.38 -10.83
N ASP B 54 20.80 -1.99 -11.93
CA ASP B 54 22.10 -2.63 -11.97
C ASP B 54 23.26 -1.67 -11.71
N LYS B 55 23.06 -0.38 -12.04
CA LYS B 55 24.09 0.62 -11.90
C LYS B 55 24.38 0.92 -10.42
N PHE B 56 23.33 0.96 -9.59
CA PHE B 56 23.52 1.08 -8.15
C PHE B 56 24.39 -0.06 -7.62
N VAL B 57 24.06 -1.30 -8.02
CA VAL B 57 24.76 -2.47 -7.52
C VAL B 57 26.23 -2.48 -7.95
N ALA B 58 26.46 -2.10 -9.22
CA ALA B 58 27.82 -1.97 -9.75
C ALA B 58 28.60 -0.92 -8.97
N HIS B 59 27.96 0.23 -8.72
CA HIS B 59 28.53 1.29 -7.92
C HIS B 59 28.90 0.74 -6.54
N ALA B 60 27.99 -0.02 -5.93
CA ALA B 60 28.21 -0.56 -4.60
C ALA B 60 29.36 -1.56 -4.55
N ARG B 61 29.49 -2.39 -5.60
CA ARG B 61 30.63 -3.31 -5.71
C ARG B 61 31.93 -2.53 -5.62
N GLN B 62 32.01 -1.47 -6.44
CA GLN B 62 33.21 -0.66 -6.57
C GLN B 62 33.58 0.06 -5.28
N LEU B 63 32.59 0.59 -4.56
CA LEU B 63 32.84 1.22 -3.27
C LEU B 63 33.44 0.22 -2.28
N ALA B 64 32.92 -1.01 -2.27
CA ALA B 64 33.38 -2.05 -1.37
C ALA B 64 34.83 -2.47 -1.63
N GLU B 65 35.22 -2.55 -2.91
CA GLU B 65 36.60 -2.88 -3.24
C GLU B 65 37.55 -1.72 -2.97
N TRP B 66 37.07 -0.48 -3.14
CA TRP B 66 37.85 0.71 -2.80
C TRP B 66 37.98 0.93 -1.29
N ALA B 67 37.92 -0.15 -0.49
CA ALA B 67 38.39 -0.12 0.88
C ALA B 67 39.88 -0.44 0.93
N LYS B 68 40.70 0.53 0.49
CA LYS B 68 42.16 0.43 0.52
C LYS B 68 42.76 1.39 1.54
N LYS B 69 42.19 1.43 2.74
CA LYS B 69 42.68 2.28 3.82
C LYS B 69 42.40 3.75 3.50
N LEU B 74 38.57 5.12 7.04
CA LEU B 74 37.51 4.12 7.23
C LEU B 74 36.52 4.56 8.30
N GLY B 75 37.03 5.21 9.35
CA GLY B 75 36.27 6.05 10.26
C GLY B 75 34.78 5.78 10.48
N SER B 76 33.87 6.71 10.16
CA SER B 76 33.87 7.70 9.09
C SER B 76 32.77 7.18 8.17
N PHE B 77 33.03 6.06 7.48
CA PHE B 77 32.04 5.39 6.66
C PHE B 77 31.95 3.87 6.82
N MET B 78 32.87 3.28 7.61
CA MET B 78 32.85 1.84 7.89
C MET B 78 32.62 1.64 9.39
N TYR B 79 31.55 0.93 9.75
CA TYR B 79 31.21 0.74 11.15
C TYR B 79 31.03 -0.73 11.52
N SER B 80 31.34 -1.08 12.77
CA SER B 80 31.01 -2.40 13.30
C SER B 80 29.50 -2.58 13.41
N LEU B 81 28.99 -3.76 13.05
CA LEU B 81 27.58 -4.08 13.21
C LEU B 81 27.14 -3.93 14.66
N SER B 82 28.03 -4.26 15.60
CA SER B 82 27.80 -4.05 17.03
C SER B 82 27.22 -2.66 17.35
N GLU B 83 27.69 -1.65 16.61
CA GLU B 83 27.38 -0.25 16.87
C GLU B 83 26.12 0.26 16.16
N VAL B 84 25.52 -0.57 15.30
CA VAL B 84 24.48 -0.14 14.37
C VAL B 84 23.15 -0.87 14.58
N LYS B 85 22.05 -0.11 14.72
CA LYS B 85 20.70 -0.65 14.69
C LYS B 85 20.31 -1.02 13.25
N LEU B 86 19.98 -2.29 13.00
CA LEU B 86 19.43 -2.70 11.73
C LEU B 86 17.90 -2.59 11.69
N HIS B 87 17.39 -1.69 10.84
CA HIS B 87 15.97 -1.62 10.53
C HIS B 87 15.68 -2.67 9.47
N ALA B 88 14.42 -2.75 9.06
CA ALA B 88 14.04 -3.54 7.89
C ALA B 88 14.81 -3.01 6.69
N PRO B 89 15.33 -3.88 5.79
CA PRO B 89 15.99 -3.40 4.59
C PRO B 89 15.20 -2.30 3.90
N ILE B 90 13.88 -2.49 3.81
CA ILE B 90 12.96 -1.49 3.29
C ILE B 90 12.02 -1.09 4.41
N PRO B 91 12.33 -0.05 5.22
CA PRO B 91 11.49 0.32 6.36
C PRO B 91 10.06 0.73 5.99
N LYS B 92 9.92 1.42 4.85
CA LYS B 92 8.63 1.85 4.35
C LYS B 92 8.41 1.41 2.90
N PRO B 93 7.87 0.20 2.66
CA PRO B 93 7.39 -0.18 1.33
C PRO B 93 6.42 0.85 0.76
N SER B 94 6.42 1.00 -0.57
CA SER B 94 5.54 1.93 -1.26
C SER B 94 4.12 1.39 -1.43
N LYS B 95 3.95 0.09 -1.16
CA LYS B 95 2.62 -0.52 -1.14
C LYS B 95 2.65 -1.68 -0.15
N ASN B 96 1.47 -2.28 0.09
CA ASN B 96 1.36 -3.41 0.99
C ASN B 96 2.24 -4.55 0.48
N ILE B 97 2.78 -5.32 1.43
CA ILE B 97 3.56 -6.51 1.13
C ILE B 97 2.62 -7.54 0.52
N ILE B 98 2.98 -8.07 -0.65
CA ILE B 98 2.22 -9.12 -1.29
C ILE B 98 2.56 -10.45 -0.64
N CYS B 99 1.53 -11.15 -0.13
CA CYS B 99 1.71 -12.40 0.60
C CYS B 99 1.02 -13.55 -0.10
N ILE B 100 1.74 -14.67 -0.23
CA ILE B 100 1.16 -15.91 -0.75
C ILE B 100 0.64 -16.72 0.43
N GLY B 101 -0.55 -17.33 0.25
CA GLY B 101 -1.11 -18.27 1.20
C GLY B 101 -0.40 -19.62 1.15
N LYS B 102 -1.18 -20.70 1.06
CA LYS B 102 -0.64 -22.05 1.16
C LYS B 102 0.26 -22.32 -0.04
N ASN B 103 1.58 -22.35 0.16
CA ASN B 103 2.51 -22.57 -0.94
C ASN B 103 3.53 -23.67 -0.64
N TYR B 104 3.35 -24.41 0.46
CA TYR B 104 4.21 -25.54 0.78
C TYR B 104 3.51 -26.89 0.84
N ARG B 105 2.87 -27.20 1.98
CA ARG B 105 2.51 -28.57 2.31
C ARG B 105 3.76 -29.47 2.23
N ILE B 117 -4.08 -28.03 -1.47
CA ILE B 117 -3.39 -28.18 -2.75
C ILE B 117 -4.04 -27.32 -3.84
N PRO B 118 -4.01 -25.98 -3.71
CA PRO B 118 -4.51 -25.07 -4.77
C PRO B 118 -3.92 -25.27 -6.18
N GLU B 119 -4.73 -24.93 -7.18
CA GLU B 119 -4.28 -24.84 -8.57
C GLU B 119 -3.90 -23.40 -8.92
N HIS B 120 -4.40 -22.43 -8.14
CA HIS B 120 -4.07 -21.03 -8.31
C HIS B 120 -3.57 -20.47 -6.98
N PRO B 121 -2.55 -19.59 -6.98
CA PRO B 121 -2.05 -18.97 -5.75
C PRO B 121 -3.09 -18.13 -5.02
N MET B 122 -3.18 -18.30 -3.70
CA MET B 122 -3.98 -17.44 -2.85
C MET B 122 -3.12 -16.26 -2.41
N VAL B 123 -3.55 -15.03 -2.75
CA VAL B 123 -2.75 -13.84 -2.57
C VAL B 123 -3.47 -12.75 -1.79
N PHE B 124 -2.79 -12.19 -0.80
CA PHE B 124 -3.32 -11.14 0.05
C PHE B 124 -2.18 -10.21 0.44
N THR B 125 -2.43 -9.26 1.36
CA THR B 125 -1.44 -8.25 1.68
C THR B 125 -1.30 -7.90 3.17
N LYS B 126 -0.14 -7.35 3.51
CA LYS B 126 0.14 -6.73 4.80
C LYS B 126 0.45 -5.24 4.61
N SER B 127 -0.25 -4.39 5.38
CA SER B 127 -0.01 -2.96 5.39
C SER B 127 1.46 -2.65 5.65
N PRO B 128 2.04 -1.57 5.04
CA PRO B 128 3.38 -1.11 5.41
C PRO B 128 3.61 -0.81 6.89
N VAL B 129 2.54 -0.46 7.63
CA VAL B 129 2.63 -0.21 9.05
C VAL B 129 3.00 -1.46 9.86
N THR B 130 2.92 -2.64 9.24
CA THR B 130 3.39 -3.86 9.87
C THR B 130 4.90 -3.97 9.96
N VAL B 131 5.62 -3.29 9.06
CA VAL B 131 7.05 -3.53 8.86
C VAL B 131 7.91 -3.08 10.04
N THR B 132 8.81 -3.96 10.46
CA THR B 132 9.75 -3.67 11.54
C THR B 132 11.02 -4.47 11.24
N GLY B 133 12.05 -4.29 12.09
CA GLY B 133 13.38 -4.79 11.78
C GLY B 133 13.87 -5.89 12.70
N HIS B 134 15.09 -6.38 12.41
CA HIS B 134 15.76 -7.35 13.27
C HIS B 134 15.97 -6.74 14.65
N GLY B 135 15.63 -7.51 15.69
CA GLY B 135 15.78 -7.09 17.08
C GLY B 135 14.65 -6.22 17.62
N ASP B 136 13.72 -5.80 16.77
CA ASP B 136 12.59 -4.99 17.21
C ASP B 136 11.53 -5.84 17.91
N ILE B 137 10.86 -5.23 18.90
CA ILE B 137 9.74 -5.81 19.61
C ILE B 137 8.48 -5.83 18.76
N VAL B 138 7.87 -7.02 18.64
CA VAL B 138 6.53 -7.14 18.07
C VAL B 138 5.48 -7.00 19.17
N LYS B 139 4.50 -6.11 18.96
CA LYS B 139 3.45 -5.89 19.95
C LYS B 139 2.59 -7.14 20.07
N SER B 140 2.23 -7.48 21.31
CA SER B 140 1.44 -8.68 21.56
C SER B 140 -0.03 -8.46 21.16
N HIS B 141 -0.48 -7.19 21.23
CA HIS B 141 -1.85 -6.84 20.87
C HIS B 141 -2.82 -7.72 21.67
N GLU B 142 -2.72 -7.67 23.00
CA GLU B 142 -3.50 -8.53 23.86
C GLU B 142 -4.99 -8.20 23.89
N GLU B 143 -5.33 -6.92 23.68
CA GLU B 143 -6.71 -6.47 23.70
C GLU B 143 -7.44 -6.72 22.38
N VAL B 144 -6.70 -6.99 21.30
CA VAL B 144 -7.25 -7.27 19.98
C VAL B 144 -7.40 -8.77 19.71
N THR B 145 -6.36 -9.54 20.05
CA THR B 145 -6.26 -10.96 19.77
C THR B 145 -5.53 -11.68 20.90
N SER B 146 -5.83 -12.98 21.03
CA SER B 146 -5.05 -13.90 21.84
C SER B 146 -4.61 -15.09 20.98
N GLN B 147 -4.55 -14.86 19.67
CA GLN B 147 -4.17 -15.89 18.71
C GLN B 147 -3.14 -15.36 17.71
N LEU B 148 -2.16 -14.59 18.20
CA LEU B 148 -0.99 -14.23 17.41
C LEU B 148 -0.20 -15.49 17.06
N ASP B 149 0.25 -15.59 15.81
CA ASP B 149 0.96 -16.75 15.33
C ASP B 149 2.12 -16.30 14.44
N TYR B 150 3.19 -17.11 14.42
CA TYR B 150 4.37 -16.84 13.61
C TYR B 150 4.27 -17.51 12.24
N GLU B 151 4.98 -16.95 11.26
CA GLU B 151 5.14 -17.55 9.94
C GLU B 151 6.46 -17.11 9.32
N GLY B 152 7.46 -17.99 9.36
CA GLY B 152 8.73 -17.72 8.71
C GLY B 152 8.63 -17.90 7.20
N GLU B 153 9.08 -16.89 6.44
CA GLU B 153 8.97 -16.92 4.98
C GLU B 153 10.16 -16.31 4.26
N LEU B 154 10.39 -16.82 3.04
CA LEU B 154 11.31 -16.23 2.09
C LEU B 154 10.58 -15.11 1.38
N ALA B 155 11.18 -13.91 1.37
CA ALA B 155 10.62 -12.78 0.66
C ALA B 155 11.51 -12.44 -0.54
N VAL B 156 10.87 -12.11 -1.67
CA VAL B 156 11.59 -11.73 -2.87
C VAL B 156 11.26 -10.26 -3.13
N VAL B 157 12.29 -9.47 -3.48
CA VAL B 157 12.13 -8.05 -3.71
C VAL B 157 12.33 -7.78 -5.20
N ILE B 158 11.35 -7.10 -5.79
CA ILE B 158 11.36 -6.76 -7.20
C ILE B 158 12.34 -5.61 -7.40
N GLY B 159 13.15 -5.68 -8.47
CA GLY B 159 14.19 -4.71 -8.72
C GLY B 159 14.05 -3.95 -10.04
N LYS B 160 13.02 -4.30 -10.81
CA LYS B 160 12.81 -3.75 -12.13
C LYS B 160 11.33 -3.94 -12.44
N SER B 161 10.62 -2.83 -12.63
CA SER B 161 9.18 -2.88 -12.81
C SER B 161 8.84 -3.60 -14.11
N GLY B 162 7.63 -4.14 -14.17
CA GLY B 162 7.16 -4.82 -15.37
C GLY B 162 5.72 -5.28 -15.22
N THR B 163 5.10 -5.59 -16.35
CA THR B 163 3.79 -6.21 -16.39
C THR B 163 3.82 -7.31 -17.46
N ARG B 164 2.93 -8.30 -17.31
CA ARG B 164 2.92 -9.49 -18.14
C ARG B 164 4.33 -10.05 -18.28
N ILE B 165 4.99 -10.23 -17.13
CA ILE B 165 6.30 -10.84 -17.07
C ILE B 165 6.15 -12.34 -17.24
N SER B 166 6.87 -12.92 -18.19
CA SER B 166 6.88 -14.36 -18.37
C SER B 166 7.77 -15.01 -17.32
N LYS B 167 7.57 -16.31 -17.08
CA LYS B 167 8.39 -17.01 -16.10
C LYS B 167 9.85 -17.10 -16.54
N GLU B 168 10.11 -17.15 -17.86
CA GLU B 168 11.45 -17.25 -18.41
C GLU B 168 12.37 -16.10 -17.98
N ASP B 169 11.81 -14.89 -17.90
CA ASP B 169 12.58 -13.72 -17.52
C ASP B 169 12.10 -13.11 -16.21
N ALA B 170 11.53 -13.94 -15.34
CA ALA B 170 11.05 -13.48 -14.04
C ALA B 170 12.22 -13.00 -13.20
N TYR B 171 13.33 -13.75 -13.22
CA TYR B 171 14.49 -13.44 -12.40
C TYR B 171 15.20 -12.16 -12.83
N ASP B 172 14.96 -11.71 -14.06
CA ASP B 172 15.39 -10.39 -14.51
C ASP B 172 14.73 -9.25 -13.73
N HIS B 173 13.55 -9.51 -13.16
CA HIS B 173 12.81 -8.47 -12.45
C HIS B 173 13.06 -8.59 -10.95
N VAL B 174 13.91 -9.53 -10.52
CA VAL B 174 14.20 -9.74 -9.12
C VAL B 174 15.44 -8.96 -8.73
N PHE B 175 15.39 -8.23 -7.61
CA PHE B 175 16.56 -7.59 -7.05
C PHE B 175 17.29 -8.59 -6.16
N GLY B 176 16.57 -9.09 -5.15
CA GLY B 176 17.16 -10.00 -4.17
C GLY B 176 16.16 -10.58 -3.18
N TYR B 177 16.69 -11.12 -2.07
CA TYR B 177 15.90 -11.92 -1.15
C TYR B 177 16.13 -11.45 0.29
N THR B 178 15.09 -11.52 1.11
CA THR B 178 15.22 -11.29 2.53
C THR B 178 14.30 -12.28 3.26
N ILE B 179 14.26 -12.17 4.59
CA ILE B 179 13.37 -12.97 5.41
C ILE B 179 12.21 -12.08 5.85
N VAL B 180 11.01 -12.67 5.92
CA VAL B 180 9.86 -12.06 6.55
C VAL B 180 9.34 -13.01 7.64
N ASN B 181 8.78 -12.41 8.69
CA ASN B 181 7.96 -13.11 9.66
C ASN B 181 6.55 -12.55 9.48
N ASP B 182 5.68 -13.33 8.83
CA ASP B 182 4.31 -12.93 8.55
C ASP B 182 3.41 -13.23 9.75
N ILE B 183 3.55 -12.42 10.80
CA ILE B 183 2.82 -12.62 12.04
C ILE B 183 1.34 -12.31 11.82
N THR B 184 0.49 -13.22 12.34
CA THR B 184 -0.92 -13.27 11.99
C THR B 184 -1.80 -13.49 13.21
N ALA B 185 -2.90 -12.73 13.29
CA ALA B 185 -3.94 -12.97 14.28
C ALA B 185 -4.98 -13.89 13.66
N ARG B 186 -5.02 -15.14 14.13
CA ARG B 186 -5.80 -16.20 13.50
C ARG B 186 -7.31 -16.01 13.68
N ASP B 187 -7.71 -15.39 14.79
CA ASP B 187 -9.11 -15.11 15.07
C ASP B 187 -9.64 -13.99 14.17
N LEU B 188 -8.83 -12.94 13.98
CA LEU B 188 -9.21 -11.83 13.10
C LEU B 188 -9.27 -12.26 11.64
N GLN B 189 -8.40 -13.19 11.23
CA GLN B 189 -8.52 -13.85 9.93
C GLN B 189 -9.91 -14.45 9.69
N LYS B 190 -10.38 -15.29 10.61
CA LYS B 190 -11.69 -15.91 10.49
C LYS B 190 -12.81 -14.89 10.59
N ARG B 191 -12.67 -13.95 11.52
CA ARG B 191 -13.68 -12.93 11.76
C ARG B 191 -14.02 -12.08 10.54
N HIS B 192 -13.00 -11.68 9.75
CA HIS B 192 -13.19 -10.75 8.65
C HIS B 192 -13.09 -11.46 7.30
N LYS B 193 -13.03 -12.80 7.31
CA LYS B 193 -12.95 -13.64 6.12
C LYS B 193 -11.70 -13.35 5.28
N GLN B 194 -11.66 -12.16 4.66
CA GLN B 194 -10.46 -11.69 4.00
C GLN B 194 -9.40 -11.40 5.07
N PHE B 195 -8.14 -11.62 4.70
CA PHE B 195 -7.08 -11.71 5.68
C PHE B 195 -6.44 -10.37 6.08
N PHE B 196 -6.85 -9.27 5.43
CA PHE B 196 -6.15 -8.00 5.59
C PHE B 196 -5.99 -7.56 7.04
N ILE B 197 -7.11 -7.48 7.78
CA ILE B 197 -7.11 -7.06 9.18
C ILE B 197 -6.20 -7.90 10.06
N GLY B 198 -6.36 -9.24 9.97
CA GLY B 198 -5.59 -10.16 10.79
C GLY B 198 -4.11 -10.23 10.41
N LYS B 199 -3.79 -9.71 9.22
CA LYS B 199 -2.43 -9.70 8.70
C LYS B 199 -1.71 -8.38 8.89
N SER B 200 -2.47 -7.31 9.25
CA SER B 200 -1.96 -5.95 9.22
C SER B 200 -2.02 -5.21 10.56
N LEU B 201 -1.84 -5.94 11.66
CA LEU B 201 -1.63 -5.30 12.95
C LEU B 201 -0.25 -4.65 12.99
N ASP B 202 -0.13 -3.55 13.75
CA ASP B 202 1.14 -2.84 13.87
C ASP B 202 2.28 -3.76 14.31
N THR B 203 3.40 -3.65 13.60
CA THR B 203 4.66 -4.33 13.89
C THR B 203 4.70 -5.83 13.62
N THR B 204 3.70 -6.36 12.91
CA THR B 204 3.62 -7.81 12.66
C THR B 204 4.29 -8.27 11.37
N CYS B 205 5.23 -7.47 10.84
CA CYS B 205 6.06 -7.92 9.73
C CYS B 205 7.53 -7.59 9.92
N PRO B 206 8.20 -8.27 10.87
CA PRO B 206 9.67 -8.31 10.89
C PRO B 206 10.20 -8.66 9.50
N MET B 207 11.27 -7.96 9.10
CA MET B 207 11.81 -8.11 7.77
C MET B 207 13.32 -7.87 7.86
N GLY B 208 14.11 -8.73 7.23
CA GLY B 208 15.57 -8.60 7.25
C GLY B 208 16.27 -9.91 7.61
N PRO B 209 17.47 -9.89 8.24
CA PRO B 209 18.11 -8.64 8.67
C PRO B 209 18.71 -7.82 7.53
N VAL B 210 18.89 -8.48 6.38
CA VAL B 210 19.51 -7.86 5.22
C VAL B 210 18.75 -8.26 3.95
N LEU B 211 19.06 -7.55 2.86
CA LEU B 211 18.58 -7.86 1.53
C LEU B 211 19.78 -8.31 0.71
N VAL B 212 19.86 -9.62 0.45
CA VAL B 212 20.93 -10.22 -0.34
C VAL B 212 20.59 -10.08 -1.81
N HIS B 213 21.52 -9.50 -2.59
CA HIS B 213 21.32 -9.33 -4.02
C HIS B 213 21.32 -10.70 -4.69
N LYS B 214 20.48 -10.86 -5.72
CA LYS B 214 20.31 -12.14 -6.40
C LYS B 214 21.61 -12.73 -6.97
N SER B 215 22.56 -11.85 -7.36
CA SER B 215 23.86 -12.28 -7.83
C SER B 215 24.60 -13.18 -6.85
N SER B 216 24.27 -13.06 -5.55
CA SER B 216 24.89 -13.87 -4.50
C SER B 216 24.12 -15.15 -4.20
N ILE B 217 22.88 -15.27 -4.69
CA ILE B 217 22.08 -16.47 -4.48
C ILE B 217 21.96 -17.31 -5.75
N GLN B 218 21.25 -16.80 -6.76
CA GLN B 218 21.21 -17.37 -8.11
C GLN B 218 20.59 -18.75 -8.24
N GLU B 219 20.70 -19.61 -7.20
CA GLU B 219 19.86 -20.80 -7.07
C GLU B 219 18.93 -20.73 -5.85
N PRO B 220 17.83 -19.94 -5.91
CA PRO B 220 16.93 -19.77 -4.77
C PRO B 220 16.08 -21.01 -4.45
N GLU B 221 16.04 -21.98 -5.37
CA GLU B 221 15.36 -23.25 -5.15
C GLU B 221 15.98 -24.05 -4.00
N ARG B 222 17.28 -23.84 -3.75
CA ARG B 222 17.99 -24.54 -2.69
C ARG B 222 17.93 -23.84 -1.34
N LEU B 223 17.20 -22.72 -1.25
CA LEU B 223 17.06 -21.99 -0.01
C LEU B 223 16.20 -22.77 0.97
N LYS B 224 16.55 -22.69 2.26
CA LYS B 224 15.91 -23.44 3.31
C LYS B 224 15.50 -22.52 4.46
N VAL B 225 14.23 -22.61 4.86
CA VAL B 225 13.68 -21.77 5.92
C VAL B 225 13.56 -22.59 7.21
N GLU B 226 13.98 -21.98 8.33
CA GLU B 226 13.91 -22.63 9.62
C GLU B 226 13.43 -21.62 10.67
N THR B 227 12.44 -22.02 11.46
CA THR B 227 11.89 -21.17 12.51
C THR B 227 12.05 -21.86 13.87
N ARG B 228 12.54 -21.10 14.84
CA ARG B 228 12.64 -21.55 16.22
C ARG B 228 11.84 -20.59 17.09
N VAL B 229 11.11 -21.15 18.06
CA VAL B 229 10.37 -20.34 19.02
C VAL B 229 10.90 -20.70 20.40
N ASN B 230 11.47 -19.72 21.10
CA ASN B 230 12.19 -19.93 22.34
C ASN B 230 13.19 -21.07 22.25
N GLY B 231 13.95 -21.10 21.14
CA GLY B 231 14.99 -22.09 20.94
C GLY B 231 14.52 -23.36 20.26
N GLU B 232 13.21 -23.65 20.35
CA GLU B 232 12.65 -24.90 19.85
C GLU B 232 12.27 -24.78 18.37
N LEU B 233 12.81 -25.70 17.56
CA LEU B 233 12.53 -25.74 16.13
C LEU B 233 11.06 -26.06 15.87
N ARG B 234 10.38 -25.16 15.14
CA ARG B 234 8.99 -25.32 14.76
C ARG B 234 8.81 -25.58 13.26
N GLN B 235 9.47 -24.75 12.43
CA GLN B 235 9.34 -24.85 10.98
C GLN B 235 10.66 -25.22 10.30
N SER B 236 10.55 -25.99 9.21
CA SER B 236 11.70 -26.39 8.41
C SER B 236 11.27 -26.85 7.03
N GLY B 237 11.28 -25.92 6.06
CA GLY B 237 10.93 -26.21 4.68
C GLY B 237 12.00 -25.78 3.69
N SER B 238 11.86 -26.26 2.45
CA SER B 238 12.77 -25.92 1.36
C SER B 238 12.01 -25.25 0.24
N ALA B 239 12.62 -24.22 -0.37
CA ALA B 239 11.99 -23.49 -1.45
C ALA B 239 11.70 -24.35 -2.67
N SER B 240 12.39 -25.50 -2.81
CA SER B 240 12.10 -26.44 -3.88
C SER B 240 10.75 -27.12 -3.71
N ASP B 241 10.25 -27.16 -2.47
CA ASP B 241 8.97 -27.77 -2.16
C ASP B 241 7.79 -26.83 -2.38
N MET B 242 8.07 -25.57 -2.71
CA MET B 242 7.02 -24.61 -2.97
C MET B 242 6.13 -25.11 -4.09
N ILE B 243 4.81 -24.99 -3.90
CA ILE B 243 3.83 -25.37 -4.91
C ILE B 243 3.99 -24.48 -6.14
N PHE B 244 4.03 -23.16 -5.89
CA PHE B 244 4.27 -22.16 -6.92
C PHE B 244 5.65 -21.54 -6.71
N SER B 245 6.53 -21.69 -7.71
CA SER B 245 7.88 -21.16 -7.63
C SER B 245 7.85 -19.64 -7.83
N ILE B 246 8.97 -18.99 -7.47
CA ILE B 246 9.11 -17.55 -7.61
C ILE B 246 8.75 -17.06 -9.02
N PRO B 247 9.30 -17.67 -10.10
CA PRO B 247 8.96 -17.23 -11.46
C PRO B 247 7.47 -17.31 -11.77
N GLU B 248 6.81 -18.37 -11.26
CA GLU B 248 5.39 -18.57 -11.51
C GLU B 248 4.53 -17.54 -10.79
N LEU B 249 4.91 -17.21 -9.55
CA LEU B 249 4.25 -16.18 -8.78
C LEU B 249 4.34 -14.82 -9.47
N ILE B 250 5.53 -14.48 -9.95
CA ILE B 250 5.76 -13.24 -10.67
C ILE B 250 4.92 -13.19 -11.95
N GLU B 251 4.85 -14.33 -12.66
CA GLU B 251 4.08 -14.42 -13.89
C GLU B 251 2.59 -14.12 -13.64
N THR B 252 2.01 -14.76 -12.62
CA THR B 252 0.58 -14.61 -12.37
C THR B 252 0.23 -13.29 -11.70
N LEU B 253 1.06 -12.83 -10.74
CA LEU B 253 0.87 -11.53 -10.10
C LEU B 253 0.89 -10.38 -11.10
N SER B 254 1.76 -10.49 -12.12
CA SER B 254 1.96 -9.41 -13.08
C SER B 254 1.13 -9.55 -14.35
N LYS B 255 0.17 -10.49 -14.34
CA LYS B 255 -0.55 -10.83 -15.56
C LYS B 255 -1.38 -9.64 -16.07
N GLY B 256 -2.05 -8.95 -15.14
CA GLY B 256 -2.77 -7.72 -15.46
C GLY B 256 -2.41 -6.53 -14.57
N MET B 257 -1.25 -6.62 -13.91
CA MET B 257 -0.88 -5.68 -12.86
C MET B 257 0.60 -5.38 -12.97
N THR B 258 1.00 -4.14 -12.68
CA THR B 258 2.39 -3.74 -12.75
C THR B 258 3.07 -4.03 -11.41
N LEU B 259 4.17 -4.80 -11.47
CA LEU B 259 5.06 -4.94 -10.33
C LEU B 259 6.10 -3.84 -10.43
N GLU B 260 6.35 -3.14 -9.33
CA GLU B 260 7.31 -2.05 -9.32
C GLU B 260 8.55 -2.39 -8.50
N ALA B 261 9.66 -1.70 -8.81
CA ALA B 261 10.88 -1.80 -8.04
C ALA B 261 10.57 -1.51 -6.58
N GLY B 262 11.01 -2.40 -5.68
CA GLY B 262 10.76 -2.26 -4.26
C GLY B 262 9.58 -3.06 -3.70
N ASP B 263 8.78 -3.66 -4.59
CA ASP B 263 7.68 -4.53 -4.19
C ASP B 263 8.19 -5.82 -3.57
N ILE B 264 7.58 -6.21 -2.44
CA ILE B 264 8.01 -7.34 -1.65
C ILE B 264 6.96 -8.43 -1.72
N ILE B 265 7.37 -9.64 -2.13
CA ILE B 265 6.51 -10.81 -2.15
C ILE B 265 6.97 -11.81 -1.09
N ALA B 266 6.10 -12.05 -0.09
CA ALA B 266 6.33 -13.11 0.89
C ALA B 266 5.76 -14.41 0.32
N THR B 267 6.63 -15.41 0.11
CA THR B 267 6.31 -16.56 -0.74
C THR B 267 5.68 -17.73 0.00
N GLY B 268 5.28 -17.52 1.26
CA GLY B 268 4.52 -18.50 2.01
C GLY B 268 5.37 -19.19 3.06
N THR B 269 4.69 -19.74 4.09
CA THR B 269 5.38 -20.37 5.21
C THR B 269 5.23 -21.89 5.11
N PRO B 270 6.24 -22.68 5.51
CA PRO B 270 6.07 -24.14 5.63
C PRO B 270 5.20 -24.51 6.83
N SER B 271 4.96 -25.81 7.01
CA SER B 271 4.21 -26.29 8.16
C SER B 271 5.04 -26.15 9.42
N GLY B 272 4.36 -26.14 10.57
CA GLY B 272 4.96 -25.92 11.86
C GLY B 272 4.48 -24.67 12.59
N VAL B 273 3.47 -23.98 12.02
CA VAL B 273 2.91 -22.81 12.67
C VAL B 273 2.16 -23.23 13.93
N GLY B 274 1.99 -22.27 14.84
CA GLY B 274 1.38 -22.50 16.14
C GLY B 274 -0.05 -23.04 16.08
N LYS B 275 -0.83 -22.54 15.11
CA LYS B 275 -2.19 -23.02 14.89
C LYS B 275 -2.22 -24.51 14.51
N GLY B 276 -1.10 -25.02 13.97
CA GLY B 276 -1.02 -26.40 13.50
C GLY B 276 -1.03 -27.48 14.58
N PHE B 277 -0.67 -27.12 15.81
CA PHE B 277 -0.57 -28.07 16.90
C PHE B 277 -1.92 -28.25 17.60
N THR B 278 -2.18 -29.48 18.07
CA THR B 278 -3.30 -29.76 18.95
C THR B 278 -2.74 -29.50 20.34
N PRO B 279 -3.53 -29.03 21.32
CA PRO B 279 -3.42 -27.67 21.83
C PRO B 279 -2.61 -26.76 20.90
N PRO B 280 -3.24 -25.75 20.25
CA PRO B 280 -2.51 -24.76 19.47
C PRO B 280 -1.54 -23.94 20.31
N LYS B 281 -0.40 -23.56 19.72
CA LYS B 281 0.64 -22.80 20.39
C LYS B 281 0.70 -21.37 19.87
N PHE B 282 -0.06 -20.47 20.49
CA PHE B 282 -0.06 -19.07 20.11
C PHE B 282 1.00 -18.28 20.88
N LEU B 283 1.43 -17.16 20.29
CA LEU B 283 2.50 -16.34 20.85
C LEU B 283 2.01 -15.57 22.07
N ARG B 284 2.90 -15.46 23.06
CA ARG B 284 2.64 -14.74 24.29
C ARG B 284 3.79 -13.78 24.54
N SER B 285 3.56 -12.81 25.44
CA SER B 285 4.60 -11.88 25.88
C SER B 285 5.89 -12.60 26.27
N GLY B 286 7.01 -12.16 25.68
CA GLY B 286 8.32 -12.65 26.05
C GLY B 286 8.90 -13.68 25.10
N ASP B 287 8.07 -14.22 24.20
CA ASP B 287 8.49 -15.25 23.27
C ASP B 287 9.45 -14.71 22.22
N LYS B 288 10.54 -15.46 21.98
CA LYS B 288 11.53 -15.12 20.99
C LYS B 288 11.39 -15.96 19.73
N ILE B 289 11.33 -15.30 18.58
CA ILE B 289 11.17 -15.96 17.30
C ILE B 289 12.40 -15.70 16.43
N ASP B 290 13.14 -16.76 16.09
CA ASP B 290 14.31 -16.68 15.24
C ASP B 290 14.10 -17.45 13.94
N ILE B 291 14.10 -16.73 12.81
CA ILE B 291 13.93 -17.32 11.50
C ILE B 291 15.25 -17.29 10.74
N THR B 292 15.71 -18.45 10.26
CA THR B 292 17.00 -18.56 9.58
C THR B 292 16.84 -19.04 8.14
N ILE B 293 17.35 -18.23 7.20
CA ILE B 293 17.55 -18.62 5.82
C ILE B 293 18.97 -18.21 5.42
N ASP B 294 19.82 -19.19 5.14
CA ASP B 294 21.17 -18.90 4.67
C ASP B 294 21.15 -18.62 3.17
N PRO B 295 21.97 -17.67 2.64
CA PRO B 295 22.91 -16.90 3.44
C PRO B 295 22.43 -15.49 3.81
N ILE B 296 21.12 -15.34 4.03
CA ILE B 296 20.55 -14.06 4.43
C ILE B 296 20.79 -13.82 5.92
N GLY B 297 20.88 -14.90 6.70
CA GLY B 297 21.13 -14.81 8.13
C GLY B 297 19.87 -15.11 8.95
N THR B 298 19.80 -14.51 10.15
CA THR B 298 18.73 -14.79 11.09
C THR B 298 17.95 -13.53 11.45
N LEU B 299 16.62 -13.64 11.34
CA LEU B 299 15.70 -12.58 11.74
C LEU B 299 15.09 -12.94 13.10
N SER B 300 15.40 -12.13 14.11
CA SER B 300 15.02 -12.39 15.50
C SER B 300 14.17 -11.25 16.04
N ASN B 301 13.04 -11.61 16.67
CA ASN B 301 12.16 -10.64 17.29
C ASN B 301 11.55 -11.22 18.56
N GLN B 302 11.15 -10.33 19.48
CA GLN B 302 10.55 -10.74 20.73
C GLN B 302 9.15 -10.12 20.81
N ILE B 303 8.22 -10.85 21.44
CA ILE B 303 6.88 -10.35 21.68
C ILE B 303 6.90 -9.49 22.95
N GLY B 304 6.33 -8.29 22.86
CA GLY B 304 6.44 -7.29 23.89
C GLY B 304 5.44 -7.47 25.02
N LEU B 305 5.54 -6.59 26.01
CA LEU B 305 4.75 -6.64 27.23
C LEU B 305 3.29 -6.28 26.95
N GLU B 306 2.46 -6.42 27.99
CA GLU B 306 1.03 -6.20 27.91
C GLU B 306 0.70 -4.72 28.11
#